data_6D0S
#
_entry.id   6D0S
#
_cell.length_a   78.015
_cell.length_b   78.015
_cell.length_c   217.699
_cell.angle_alpha   90.000
_cell.angle_beta   90.000
_cell.angle_gamma   120.000
#
_symmetry.space_group_name_H-M   'P 65 2 2'
#
loop_
_entity.id
_entity.type
_entity.pdbx_description
1 polymer 'TBC1 domain family member 22B'
2 non-polymer 'SULFATE ION'
3 non-polymer 'UNKNOWN ATOM OR ION'
#
_entity_poly.entity_id   1
_entity_poly.type   'polypeptide(L)'
_entity_poly.pdbx_seq_one_letter_code
;MHHHHHHSSGRENLYFQGMTVREKTRLEKFRQLLSSQNTDLDELRKCSWPGVPREVRPITWRLLSGYLPANTERRKLTLQ
RKREEYFGFIEQYYDSRNEEHHQDTYRQIHIDIPRTNPLIPLFQQPLVQEIFERILFIWAIRHPASGYVQGINDLVTPFF
VVFLSEYVEEDVENFDVTNLSQDMLRSIEADSFWCMSKLLDGIQDNYTFAQPGIQKKVKALEELVSRIDEQVHNHFRRYE
VEYLQFAFRWMNNLLMRELPLRCTIRLWDTYQSEPEGFSHFHLYVCAAFLIKWRKEILDEEDFQGLLMLLQNLPTIHWGN
EEIGLLLAEAYRLKYMFADAPNHYRR
;
_entity_poly.pdbx_strand_id   A
#
# COMPACT_ATOMS: atom_id res chain seq x y z
N LYS A 24 28.54 6.98 -5.89
CA LYS A 24 27.87 5.98 -5.05
C LYS A 24 26.59 5.44 -5.66
N THR A 25 26.42 4.11 -5.62
CA THR A 25 25.23 3.39 -6.11
C THR A 25 24.05 3.73 -5.22
N ARG A 26 22.86 3.35 -5.66
CA ARG A 26 21.59 3.57 -4.94
C ARG A 26 21.60 2.85 -3.59
N LEU A 27 21.93 1.55 -3.60
CA LEU A 27 22.02 0.69 -2.41
C LEU A 27 23.04 1.26 -1.40
N GLU A 28 24.20 1.75 -1.90
CA GLU A 28 25.30 2.30 -1.10
C GLU A 28 24.90 3.61 -0.41
N LYS A 29 24.17 4.50 -1.13
CA LYS A 29 23.68 5.78 -0.59
C LYS A 29 22.75 5.51 0.60
N PHE A 30 21.84 4.52 0.47
CA PHE A 30 20.90 4.09 1.51
C PHE A 30 21.67 3.52 2.71
N ARG A 31 22.60 2.59 2.47
CA ARG A 31 23.41 2.00 3.54
C ARG A 31 24.22 3.07 4.26
N GLN A 32 24.63 4.14 3.53
CA GLN A 32 25.34 5.26 4.18
C GLN A 32 24.36 5.96 5.15
N LEU A 33 23.16 6.28 4.67
CA LEU A 33 22.10 6.91 5.46
C LEU A 33 21.67 6.05 6.66
N LEU A 34 21.57 4.72 6.48
CA LEU A 34 21.10 3.83 7.54
C LEU A 34 22.17 3.33 8.50
N SER A 35 23.46 3.58 8.22
CA SER A 35 24.52 3.13 9.13
C SER A 35 24.83 4.15 10.22
N SER A 36 24.25 5.37 10.12
CA SER A 36 24.45 6.41 11.12
C SER A 36 23.50 6.19 12.31
N GLN A 37 23.92 6.59 13.54
CA GLN A 37 23.14 6.49 14.78
C GLN A 37 21.81 7.28 14.60
N ASN A 38 21.91 8.51 14.04
CA ASN A 38 20.81 9.40 13.73
C ASN A 38 20.61 9.42 12.22
N THR A 39 19.41 9.04 11.78
CA THR A 39 19.05 8.98 10.37
C THR A 39 18.40 10.30 9.95
N ASP A 40 18.89 10.91 8.85
CA ASP A 40 18.26 12.13 8.35
C ASP A 40 17.02 11.67 7.56
N LEU A 41 15.86 11.69 8.24
CA LEU A 41 14.55 11.29 7.76
C LEU A 41 14.12 12.00 6.47
N ASP A 42 14.47 13.29 6.34
CA ASP A 42 14.17 14.11 5.16
C ASP A 42 14.96 13.63 3.93
N GLU A 43 16.25 13.30 4.12
CA GLU A 43 17.10 12.77 3.04
C GLU A 43 16.63 11.35 2.66
N LEU A 44 16.29 10.51 3.65
CA LEU A 44 15.75 9.15 3.46
C LEU A 44 14.43 9.17 2.69
N ARG A 45 13.49 10.08 3.05
CA ARG A 45 12.20 10.22 2.33
C ARG A 45 12.49 10.60 0.88
N LYS A 46 13.41 11.57 0.65
CA LYS A 46 13.81 12.03 -0.68
C LYS A 46 14.42 10.91 -1.50
N CYS A 47 15.27 10.08 -0.86
CA CYS A 47 15.90 8.92 -1.49
C CYS A 47 14.90 7.80 -1.78
N SER A 48 13.87 7.64 -0.93
CA SER A 48 12.86 6.57 -1.03
C SER A 48 11.75 6.85 -2.04
N TRP A 49 11.43 8.13 -2.32
CA TRP A 49 10.41 8.50 -3.32
C TRP A 49 10.62 7.76 -4.67
N PRO A 50 11.85 7.65 -5.25
CA PRO A 50 12.01 6.85 -6.48
C PRO A 50 12.14 5.32 -6.25
N GLY A 51 11.81 4.83 -5.05
CA GLY A 51 11.88 3.40 -4.72
C GLY A 51 12.98 3.07 -3.73
N VAL A 52 12.81 2.02 -2.95
CA VAL A 52 13.78 1.60 -1.94
C VAL A 52 14.47 0.30 -2.38
N PRO A 53 15.84 0.20 -2.38
CA PRO A 53 16.47 -1.11 -2.68
C PRO A 53 15.92 -2.18 -1.73
N ARG A 54 15.60 -3.37 -2.28
CA ARG A 54 15.07 -4.55 -1.60
C ARG A 54 15.83 -4.89 -0.30
N GLU A 55 17.17 -4.83 -0.38
CA GLU A 55 18.12 -5.14 0.69
C GLU A 55 17.90 -4.33 1.97
N VAL A 56 17.44 -3.06 1.85
CA VAL A 56 17.25 -2.16 3.01
C VAL A 56 15.78 -1.74 3.26
N ARG A 57 14.84 -2.35 2.55
CA ARG A 57 13.42 -2.03 2.69
C ARG A 57 12.84 -2.26 4.11
N PRO A 58 13.11 -3.39 4.83
CA PRO A 58 12.53 -3.54 6.18
C PRO A 58 12.83 -2.35 7.11
N ILE A 59 14.12 -2.05 7.36
CA ILE A 59 14.50 -0.94 8.24
C ILE A 59 13.97 0.43 7.69
N THR A 60 13.98 0.62 6.33
CA THR A 60 13.48 1.84 5.70
C THR A 60 11.98 2.05 5.98
N TRP A 61 11.15 1.01 5.84
CA TRP A 61 9.69 1.09 6.11
C TRP A 61 9.44 1.40 7.59
N ARG A 62 10.22 0.81 8.52
CA ARG A 62 10.09 1.11 9.97
C ARG A 62 10.36 2.59 10.24
N LEU A 63 11.35 3.15 9.53
CA LEU A 63 11.67 4.57 9.67
C LEU A 63 10.67 5.48 8.97
N LEU A 64 10.37 5.24 7.67
CA LEU A 64 9.41 6.04 6.88
C LEU A 64 8.00 6.09 7.47
N SER A 65 7.52 4.97 8.05
CA SER A 65 6.18 4.91 8.65
C SER A 65 6.13 5.72 9.96
N GLY A 66 7.31 5.91 10.60
CA GLY A 66 7.43 6.62 11.85
C GLY A 66 7.42 5.70 13.06
N TYR A 67 7.26 4.37 12.82
CA TYR A 67 7.28 3.30 13.81
C TYR A 67 8.58 3.34 14.63
N LEU A 68 9.71 3.44 13.94
CA LEU A 68 11.01 3.56 14.58
C LEU A 68 11.44 5.04 14.45
N PRO A 69 11.60 5.80 15.57
CA PRO A 69 12.04 7.21 15.44
C PRO A 69 13.45 7.32 14.84
N ALA A 70 13.69 8.35 14.03
CA ALA A 70 14.95 8.57 13.31
C ALA A 70 16.11 9.02 14.17
N ASN A 71 15.88 10.01 15.04
CA ASN A 71 16.90 10.54 15.93
C ASN A 71 16.91 9.74 17.25
N THR A 72 17.99 9.84 18.02
CA THR A 72 18.15 9.12 19.28
C THR A 72 17.34 9.77 20.42
N GLU A 73 17.30 11.13 20.44
CA GLU A 73 16.60 11.93 21.45
C GLU A 73 15.09 11.75 21.41
N THR A 78 12.20 0.86 23.13
CA THR A 78 11.41 1.51 22.09
C THR A 78 10.85 0.51 21.04
N LEU A 79 11.72 -0.37 20.45
CA LEU A 79 11.28 -1.32 19.42
C LEU A 79 10.73 -2.59 20.04
N GLN A 80 11.49 -3.20 20.97
CA GLN A 80 11.07 -4.40 21.66
C GLN A 80 9.89 -4.15 22.62
N ARG A 81 9.68 -2.89 23.01
CA ARG A 81 8.60 -2.42 23.88
C ARG A 81 7.34 -2.23 23.06
N LYS A 82 7.49 -1.75 21.80
CA LYS A 82 6.38 -1.59 20.87
C LYS A 82 5.87 -2.97 20.53
N ARG A 83 6.82 -3.92 20.33
CA ARG A 83 6.52 -5.33 20.03
C ARG A 83 5.78 -5.99 21.17
N GLU A 84 6.23 -5.72 22.41
CA GLU A 84 5.64 -6.22 23.65
C GLU A 84 4.25 -5.61 23.87
N GLU A 85 4.06 -4.33 23.48
CA GLU A 85 2.78 -3.64 23.63
C GLU A 85 1.70 -4.38 22.81
N TYR A 86 2.05 -4.81 21.58
CA TYR A 86 1.17 -5.58 20.71
C TYR A 86 0.76 -6.92 21.34
N PHE A 87 1.73 -7.68 21.87
CA PHE A 87 1.44 -8.98 22.53
C PHE A 87 0.70 -8.77 23.85
N GLY A 88 0.87 -7.60 24.47
CA GLY A 88 0.13 -7.17 25.65
C GLY A 88 -1.36 -7.01 25.31
N PHE A 89 -1.70 -6.61 24.05
CA PHE A 89 -3.10 -6.51 23.61
C PHE A 89 -3.65 -7.92 23.42
N ILE A 90 -2.85 -8.83 22.83
CA ILE A 90 -3.25 -10.23 22.65
C ILE A 90 -3.47 -10.90 24.01
N GLU A 91 -2.55 -10.67 24.99
CA GLU A 91 -2.64 -11.21 26.36
C GLU A 91 -3.85 -10.67 27.10
N GLN A 92 -4.20 -9.38 26.87
CA GLN A 92 -5.35 -8.65 27.43
C GLN A 92 -6.64 -9.29 26.97
N TYR A 93 -6.66 -9.83 25.74
CA TYR A 93 -7.81 -10.52 25.15
C TYR A 93 -8.07 -11.84 25.90
N TYR A 94 -7.00 -12.44 26.48
CA TYR A 94 -7.11 -13.67 27.29
C TYR A 94 -7.29 -13.29 28.77
CA ILE A 120 0.23 -17.05 -2.98
C ILE A 120 0.38 -18.29 -2.09
N PRO A 121 1.36 -19.19 -2.37
CA PRO A 121 1.53 -20.41 -1.53
C PRO A 121 2.00 -20.16 -0.09
N LEU A 122 2.63 -19.00 0.19
CA LEU A 122 3.05 -18.59 1.54
C LEU A 122 1.78 -18.25 2.33
N PHE A 123 0.74 -17.74 1.64
CA PHE A 123 -0.53 -17.32 2.23
C PHE A 123 -1.58 -18.45 2.34
N GLN A 124 -1.20 -19.67 1.91
CA GLN A 124 -2.04 -20.86 2.01
C GLN A 124 -1.67 -21.65 3.30
N GLN A 125 -0.75 -21.09 4.10
CA GLN A 125 -0.30 -21.65 5.37
C GLN A 125 -1.26 -21.20 6.49
N PRO A 126 -1.94 -22.13 7.19
CA PRO A 126 -2.88 -21.73 8.25
C PRO A 126 -2.33 -20.75 9.28
N LEU A 127 -1.02 -20.85 9.61
CA LEU A 127 -0.47 -19.92 10.59
C LEU A 127 -0.41 -18.49 10.03
N VAL A 128 -0.02 -18.32 8.76
CA VAL A 128 0.07 -17.02 8.08
C VAL A 128 -1.31 -16.37 8.04
N GLN A 129 -2.35 -17.12 7.65
CA GLN A 129 -3.73 -16.62 7.60
C GLN A 129 -4.27 -16.23 9.00
N GLU A 130 -3.98 -17.06 10.03
CA GLU A 130 -4.39 -16.76 11.41
C GLU A 130 -3.67 -15.49 11.91
N ILE A 131 -2.38 -15.29 11.49
CA ILE A 131 -1.63 -14.09 11.84
C ILE A 131 -2.29 -12.85 11.20
N PHE A 132 -2.72 -12.95 9.92
CA PHE A 132 -3.39 -11.85 9.20
C PHE A 132 -4.68 -11.46 9.90
N GLU A 133 -5.49 -12.46 10.27
CA GLU A 133 -6.73 -12.27 11.03
C GLU A 133 -6.48 -11.64 12.39
N ARG A 134 -5.46 -12.10 13.15
CA ARG A 134 -5.17 -11.58 14.50
C ARG A 134 -4.82 -10.10 14.49
N ILE A 135 -3.90 -9.70 13.59
CA ILE A 135 -3.43 -8.34 13.38
C ILE A 135 -4.63 -7.40 13.14
N LEU A 136 -5.55 -7.80 12.23
CA LEU A 136 -6.73 -7.01 11.94
C LEU A 136 -7.72 -6.99 13.05
N PHE A 137 -7.90 -8.11 13.74
CA PHE A 137 -8.78 -8.22 14.89
C PHE A 137 -8.31 -7.24 16.00
N ILE A 138 -6.99 -7.23 16.31
CA ILE A 138 -6.37 -6.34 17.30
C ILE A 138 -6.51 -4.88 16.84
N TRP A 139 -6.26 -4.62 15.53
CA TRP A 139 -6.39 -3.28 14.98
C TRP A 139 -7.84 -2.79 15.17
N ALA A 140 -8.85 -3.63 14.85
CA ALA A 140 -10.28 -3.31 14.99
C ALA A 140 -10.62 -2.98 16.44
N ILE A 141 -10.08 -3.76 17.40
CA ILE A 141 -10.28 -3.54 18.84
C ILE A 141 -9.71 -2.18 19.28
N ARG A 142 -8.58 -1.81 18.67
CA ARG A 142 -7.86 -0.58 19.00
C ARG A 142 -8.44 0.64 18.32
N HIS A 143 -9.39 0.45 17.39
CA HIS A 143 -10.05 1.51 16.65
C HIS A 143 -11.58 1.36 16.71
N PRO A 144 -12.22 1.63 17.88
CA PRO A 144 -13.67 1.42 18.00
C PRO A 144 -14.58 2.23 17.06
N ALA A 145 -14.08 3.32 16.43
CA ALA A 145 -14.91 4.11 15.50
C ALA A 145 -14.99 3.40 14.13
N SER A 146 -14.08 2.43 13.90
CA SER A 146 -13.96 1.64 12.68
C SER A 146 -14.54 0.20 12.83
N GLY A 147 -13.93 -0.61 13.70
CA VAL A 149 -13.51 -2.75 8.00
C VAL A 149 -13.07 -4.21 8.19
N GLN A 150 -13.27 -5.04 7.14
CA GLN A 150 -12.90 -6.47 7.08
C GLN A 150 -12.33 -6.80 5.69
N GLY A 151 -12.76 -6.05 4.67
CA GLY A 151 -12.30 -6.15 3.29
C GLY A 151 -10.96 -5.46 3.08
N ILE A 152 -10.15 -5.38 4.15
CA ILE A 152 -8.82 -4.78 4.17
C ILE A 152 -7.82 -5.74 4.82
N ASN A 153 -8.07 -7.04 4.66
CA ASN A 153 -7.21 -8.11 5.15
C ASN A 153 -5.94 -8.13 4.32
N ASP A 154 -6.09 -7.71 3.05
CA ASP A 154 -5.05 -7.59 2.03
C ASP A 154 -3.93 -6.65 2.49
N LEU A 155 -4.27 -5.52 3.12
CA LEU A 155 -3.36 -4.45 3.56
C LEU A 155 -2.21 -4.89 4.45
N VAL A 156 -2.34 -6.05 5.13
CA VAL A 156 -1.31 -6.63 6.01
C VAL A 156 -0.19 -7.21 5.16
N THR A 157 -0.57 -7.89 4.07
CA THR A 157 0.25 -8.66 3.14
C THR A 157 1.57 -7.97 2.76
N PRO A 158 1.64 -6.72 2.21
CA PRO A 158 2.96 -6.16 1.84
C PRO A 158 3.91 -6.02 3.03
N PHE A 159 3.39 -5.63 4.21
CA PHE A 159 4.22 -5.48 5.40
C PHE A 159 4.78 -6.82 5.82
N PHE A 160 3.93 -7.86 5.84
CA PHE A 160 4.37 -9.21 6.21
C PHE A 160 5.48 -9.72 5.30
N VAL A 161 5.33 -9.59 3.99
CA VAL A 161 6.32 -10.05 3.00
C VAL A 161 7.65 -9.27 3.15
N VAL A 162 7.57 -7.94 3.35
CA VAL A 162 8.74 -7.09 3.53
C VAL A 162 9.49 -7.50 4.84
N PHE A 163 8.76 -7.65 5.96
CA PHE A 163 9.43 -8.00 7.22
C PHE A 163 9.93 -9.43 7.23
N LEU A 164 9.28 -10.34 6.48
CA LEU A 164 9.74 -11.71 6.36
C LEU A 164 11.04 -11.79 5.50
N SER A 165 11.15 -10.95 4.45
CA SER A 165 12.32 -10.89 3.55
C SER A 165 13.63 -10.53 4.28
N GLU A 166 13.53 -9.86 5.42
CA GLU A 166 14.67 -9.50 6.26
C GLU A 166 15.43 -10.76 6.74
N TYR A 167 14.68 -11.82 7.13
CA TYR A 167 15.20 -13.10 7.65
C TYR A 167 15.23 -14.25 6.61
N VAL A 168 14.71 -14.02 5.39
CA VAL A 168 14.68 -15.04 4.33
C VAL A 168 15.50 -14.58 3.12
N GLU A 169 16.55 -15.37 2.79
CA GLU A 169 17.49 -15.13 1.69
C GLU A 169 16.78 -14.86 0.35
N GLU A 170 16.18 -15.92 -0.24
CA GLU A 170 15.47 -15.89 -1.52
C GLU A 170 14.27 -16.85 -1.49
N ASP A 171 13.29 -16.64 -2.41
CA ASP A 171 12.06 -17.41 -2.59
C ASP A 171 11.19 -17.43 -1.32
N VAL A 172 10.81 -16.23 -0.83
CA VAL A 172 9.95 -16.02 0.33
C VAL A 172 8.50 -16.46 0.01
N GLU A 173 8.19 -16.66 -1.28
CA GLU A 173 6.89 -17.09 -1.83
C GLU A 173 6.54 -18.51 -1.37
N ASN A 174 7.56 -19.41 -1.31
CA ASN A 174 7.39 -20.81 -0.94
C ASN A 174 7.96 -21.16 0.46
N PHE A 175 8.32 -20.13 1.26
CA PHE A 175 8.87 -20.28 2.59
C PHE A 175 7.84 -20.75 3.62
N ASP A 176 8.22 -21.76 4.41
CA ASP A 176 7.40 -22.36 5.48
C ASP A 176 7.72 -21.63 6.80
N VAL A 177 6.74 -20.82 7.32
CA VAL A 177 6.93 -20.00 8.54
C VAL A 177 7.17 -20.86 9.80
N THR A 178 6.76 -22.16 9.79
CA THR A 178 7.02 -23.10 10.89
C THR A 178 8.54 -23.41 10.99
N ASN A 179 9.33 -22.90 10.01
CA ASN A 179 10.79 -23.06 9.92
C ASN A 179 11.50 -21.94 10.67
N LEU A 180 10.82 -20.81 10.86
CA LEU A 180 11.36 -19.66 11.58
C LEU A 180 11.14 -19.83 13.09
N SER A 181 11.97 -19.16 13.93
CA SER A 181 11.77 -19.26 15.39
C SER A 181 10.50 -18.47 15.75
N GLN A 182 9.79 -18.88 16.83
CA GLN A 182 8.57 -18.23 17.29
C GLN A 182 8.78 -16.73 17.52
N ASP A 183 9.91 -16.33 18.14
CA ASP A 183 10.27 -14.93 18.42
C ASP A 183 10.51 -14.11 17.15
N MET A 184 11.06 -14.74 16.09
CA MET A 184 11.26 -14.06 14.81
C MET A 184 9.90 -13.80 14.20
N LEU A 185 9.01 -14.82 14.22
CA LEU A 185 7.66 -14.72 13.67
C LEU A 185 6.80 -13.70 14.44
N ARG A 186 7.00 -13.62 15.75
CA ARG A 186 6.33 -12.64 16.62
C ARG A 186 6.71 -11.18 16.24
N SER A 187 7.99 -10.95 15.88
CA SER A 187 8.57 -9.67 15.48
C SER A 187 7.99 -9.24 14.18
N ILE A 188 7.85 -10.18 13.21
CA ILE A 188 7.21 -9.91 11.92
C ILE A 188 5.74 -9.49 12.15
N GLU A 189 5.01 -10.23 13.00
CA GLU A 189 3.60 -9.97 13.30
C GLU A 189 3.42 -8.59 13.97
N ALA A 190 4.16 -8.31 15.06
CA ALA A 190 4.05 -7.02 15.75
C ALA A 190 4.44 -5.85 14.83
N ASP A 191 5.57 -5.98 14.06
CA ASP A 191 6.02 -4.94 13.12
C ASP A 191 4.98 -4.67 12.02
N SER A 192 4.34 -5.71 11.48
CA SER A 192 3.30 -5.57 10.45
C SER A 192 2.11 -4.83 11.03
N PHE A 193 1.72 -5.14 12.30
CA PHE A 193 0.61 -4.46 12.96
C PHE A 193 0.86 -2.94 13.10
N TRP A 194 2.05 -2.56 13.65
CA TRP A 194 2.44 -1.17 13.86
C TRP A 194 2.67 -0.42 12.57
N CYS A 195 3.31 -1.03 11.57
CA CYS A 195 3.48 -0.35 10.30
C CYS A 195 2.17 -0.25 9.52
N MET A 196 1.26 -1.25 9.65
CA MET A 196 -0.05 -1.13 8.99
C MET A 196 -0.91 -0.06 9.72
N SER A 197 -0.81 0.03 11.08
CA SER A 197 -1.48 1.07 11.90
C SER A 197 -1.12 2.49 11.43
N LYS A 198 0.17 2.72 11.09
CA LYS A 198 0.70 4.00 10.59
C LYS A 198 0.12 4.27 9.22
N LEU A 199 0.01 3.24 8.35
CA LEU A 199 -0.58 3.38 7.01
C LEU A 199 -2.08 3.74 7.12
N LEU A 200 -2.82 3.10 8.03
CA LEU A 200 -4.27 3.34 8.18
C LEU A 200 -4.63 4.66 8.88
N ASP A 201 -3.73 5.21 9.72
CA ASP A 201 -3.92 6.47 10.45
C ASP A 201 -4.25 7.64 9.51
N GLY A 202 -3.57 7.69 8.36
CA GLY A 202 -3.78 8.72 7.36
C GLY A 202 -5.10 8.66 6.62
N ILE A 203 -5.69 7.44 6.54
CA ILE A 203 -6.94 7.19 5.81
C ILE A 203 -8.09 6.61 6.71
N GLN A 204 -8.12 6.99 8.01
CA GLN A 204 -9.10 6.51 8.99
C GLN A 204 -10.58 6.81 8.58
N ASP A 205 -10.82 7.93 7.84
CA ASP A 205 -12.14 8.31 7.30
C ASP A 205 -12.72 7.26 6.34
N ASN A 206 -11.83 6.43 5.72
CA ASN A 206 -12.22 5.33 4.83
C ASN A 206 -12.92 4.21 5.57
N TYR A 207 -12.64 4.03 6.88
CA TYR A 207 -13.15 2.86 7.62
C TYR A 207 -14.15 3.20 8.75
N THR A 208 -14.57 4.48 8.85
CA THR A 208 -15.58 4.91 9.85
C THR A 208 -17.00 4.65 9.29
N PHE A 209 -18.07 4.93 10.09
CA PHE A 209 -19.48 4.72 9.74
C PHE A 209 -19.84 5.24 8.34
N ALA A 210 -20.27 4.30 7.45
CA ALA A 210 -20.64 4.48 6.03
C ALA A 210 -19.46 4.77 5.09
N GLN A 211 -18.21 4.64 5.61
CA GLN A 211 -16.93 4.84 4.89
C GLN A 211 -16.92 6.19 4.11
N PRO A 212 -17.10 7.35 4.80
CA PRO A 212 -17.15 8.65 4.08
C PRO A 212 -15.94 8.97 3.23
N GLY A 213 -14.77 8.56 3.69
CA GLY A 213 -13.50 8.76 3.00
C GLY A 213 -13.47 8.15 1.62
N ILE A 214 -13.98 6.90 1.47
CA ILE A 214 -14.00 6.21 0.18
C ILE A 214 -14.96 6.90 -0.81
N GLN A 215 -16.20 7.16 -0.40
CA GLN A 215 -17.24 7.83 -1.19
C GLN A 215 -16.70 9.19 -1.68
N LYS A 216 -16.10 9.98 -0.76
CA LYS A 216 -15.49 11.29 -1.06
C LYS A 216 -14.32 11.13 -2.03
N LYS A 217 -13.49 10.09 -1.83
CA LYS A 217 -12.34 9.82 -2.70
C LYS A 217 -12.75 9.36 -4.12
N VAL A 218 -13.83 8.56 -4.22
CA VAL A 218 -14.35 8.09 -5.52
C VAL A 218 -14.98 9.29 -6.25
N LYS A 219 -15.71 10.16 -5.52
CA LYS A 219 -16.29 11.41 -6.07
C LYS A 219 -15.17 12.32 -6.54
N ALA A 220 -14.04 12.37 -5.80
CA ALA A 220 -12.85 13.15 -6.17
C ALA A 220 -12.22 12.59 -7.45
N LEU A 221 -12.21 11.26 -7.62
CA LEU A 221 -11.65 10.60 -8.80
C LEU A 221 -12.48 10.87 -10.04
N GLU A 222 -13.83 10.76 -9.95
CA GLU A 222 -14.75 11.07 -11.06
C GLU A 222 -14.57 12.53 -11.50
N GLU A 223 -14.53 13.46 -10.52
CA GLU A 223 -14.34 14.91 -10.76
C GLU A 223 -13.06 15.15 -11.55
N LEU A 224 -11.97 14.47 -11.12
CA LEU A 224 -10.65 14.53 -11.74
C LEU A 224 -10.64 13.94 -13.15
N VAL A 225 -11.17 12.73 -13.32
CA VAL A 225 -11.20 12.03 -14.60
C VAL A 225 -12.07 12.76 -15.60
N SER A 226 -13.23 13.30 -15.18
CA SER A 226 -14.12 14.05 -16.09
C SER A 226 -13.43 15.31 -16.61
N ARG A 227 -12.51 15.87 -15.81
CA ARG A 227 -11.75 17.07 -16.12
C ARG A 227 -10.50 16.70 -16.99
N ILE A 228 -9.70 15.68 -16.58
CA ILE A 228 -8.47 15.25 -17.27
C ILE A 228 -8.73 14.46 -18.56
N ASP A 229 -9.72 13.56 -18.56
CA ASP A 229 -9.97 12.65 -19.68
C ASP A 229 -11.48 12.45 -19.87
N GLU A 230 -12.16 13.48 -20.43
CA GLU A 230 -13.60 13.44 -20.66
C GLU A 230 -14.05 12.32 -21.60
N GLN A 231 -13.19 11.91 -22.56
CA GLN A 231 -13.56 10.84 -23.46
C GLN A 231 -13.79 9.51 -22.71
N VAL A 232 -12.92 9.20 -21.76
CA VAL A 232 -13.02 8.00 -20.93
C VAL A 232 -14.25 8.14 -20.01
N HIS A 233 -14.39 9.32 -19.39
CA HIS A 233 -15.53 9.64 -18.52
C HIS A 233 -16.87 9.39 -19.26
N ASN A 234 -17.01 9.95 -20.48
CA ASN A 234 -18.23 9.79 -21.30
C ASN A 234 -18.43 8.36 -21.77
N HIS A 235 -17.34 7.60 -21.97
CA HIS A 235 -17.38 6.17 -22.35
C HIS A 235 -18.00 5.38 -21.17
N PHE A 236 -17.67 5.75 -19.91
CA PHE A 236 -18.23 5.10 -18.72
C PHE A 236 -19.74 5.39 -18.63
N ARG A 237 -20.12 6.64 -18.93
CA ARG A 237 -21.52 7.09 -18.89
C ARG A 237 -22.36 6.38 -19.97
N ARG A 238 -21.77 6.16 -21.16
CA ARG A 238 -22.39 5.49 -22.30
C ARG A 238 -22.78 4.04 -21.97
N TYR A 239 -21.89 3.30 -21.28
CA TYR A 239 -22.16 1.91 -20.92
C TYR A 239 -22.61 1.74 -19.47
N GLU A 240 -23.03 2.85 -18.81
CA GLU A 240 -23.57 2.90 -17.45
C GLU A 240 -22.63 2.33 -16.36
N VAL A 241 -21.31 2.49 -16.54
CA VAL A 241 -20.33 2.06 -15.56
C VAL A 241 -20.16 3.20 -14.55
N GLU A 242 -20.51 2.93 -13.28
CA GLU A 242 -20.40 3.88 -12.19
C GLU A 242 -19.00 3.75 -11.62
N TYR A 243 -18.40 4.87 -11.20
CA TYR A 243 -17.05 4.89 -10.64
C TYR A 243 -16.87 3.96 -9.43
N LEU A 244 -17.90 3.87 -8.57
CA LEU A 244 -17.92 3.01 -7.39
C LEU A 244 -17.85 1.53 -7.73
N GLN A 245 -18.25 1.12 -8.95
CA GLN A 245 -18.23 -0.29 -9.40
C GLN A 245 -16.79 -0.83 -9.60
N PHE A 246 -15.77 0.07 -9.75
CA PHE A 246 -14.38 -0.36 -9.92
C PHE A 246 -13.43 0.39 -9.01
N ALA A 247 -13.70 1.68 -8.72
CA ALA A 247 -12.84 2.56 -7.92
C ALA A 247 -12.98 2.40 -6.42
N PHE A 248 -14.06 1.78 -5.92
CA PHE A 248 -14.23 1.55 -4.47
C PHE A 248 -13.03 0.75 -3.91
N ARG A 249 -12.70 -0.37 -4.56
CA ARG A 249 -11.61 -1.28 -4.23
C ARG A 249 -10.23 -0.64 -4.44
N TRP A 250 -10.10 0.29 -5.40
CA TRP A 250 -8.85 1.00 -5.66
C TRP A 250 -8.50 1.84 -4.43
N MET A 251 -9.53 2.41 -3.77
CA MET A 251 -9.36 3.28 -2.60
C MET A 251 -9.24 2.47 -1.32
N ASN A 252 -10.14 1.50 -1.16
CA ASN A 252 -10.22 0.63 0.00
C ASN A 252 -8.94 -0.20 0.19
N ASN A 253 -8.36 -0.71 -0.92
CA ASN A 253 -7.17 -1.57 -0.83
C ASN A 253 -5.91 -0.94 -1.38
N LEU A 254 -5.94 0.38 -1.62
CA LEU A 254 -4.78 1.15 -2.12
C LEU A 254 -4.12 0.51 -3.35
N LEU A 255 -4.96 0.14 -4.32
CA LEU A 255 -4.63 -0.46 -5.63
C LEU A 255 -3.95 -1.85 -5.59
N MET A 256 -3.87 -2.46 -4.41
CA MET A 256 -3.17 -3.71 -4.31
C MET A 256 -3.93 -4.89 -4.96
N ARG A 257 -5.25 -4.79 -5.13
CA ARG A 257 -5.98 -5.84 -5.85
C ARG A 257 -5.82 -5.70 -7.39
N GLU A 258 -5.14 -4.63 -7.87
CA GLU A 258 -4.95 -4.35 -9.31
C GLU A 258 -3.52 -4.58 -9.78
N LEU A 259 -2.62 -4.93 -8.86
CA LEU A 259 -1.22 -5.04 -9.18
C LEU A 259 -0.59 -6.30 -8.61
N PRO A 260 0.54 -6.78 -9.19
CA PRO A 260 1.27 -7.86 -8.53
C PRO A 260 1.81 -7.30 -7.22
N LEU A 261 1.89 -8.13 -6.17
CA LEU A 261 2.38 -7.78 -4.84
C LEU A 261 3.68 -6.96 -4.87
N ARG A 262 4.65 -7.33 -5.75
CA ARG A 262 5.93 -6.65 -5.88
C ARG A 262 5.73 -5.18 -6.28
N CYS A 263 4.71 -4.92 -7.09
CA CYS A 263 4.40 -3.57 -7.54
C CYS A 263 3.75 -2.77 -6.44
N THR A 264 2.88 -3.39 -5.63
CA THR A 264 2.26 -2.72 -4.47
C THR A 264 3.37 -2.31 -3.48
N ILE A 265 4.33 -3.22 -3.22
CA ILE A 265 5.45 -2.95 -2.31
C ILE A 265 6.23 -1.73 -2.82
N ARG A 266 6.55 -1.71 -4.12
CA ARG A 266 7.26 -0.59 -4.71
C ARG A 266 6.40 0.69 -4.67
N LEU A 267 5.08 0.57 -4.85
CA LEU A 267 4.17 1.72 -4.76
C LEU A 267 4.17 2.28 -3.32
N TRP A 268 4.12 1.40 -2.32
CA TRP A 268 4.04 1.81 -0.93
C TRP A 268 5.36 2.42 -0.37
N ASP A 269 6.51 2.20 -1.07
CA ASP A 269 7.80 2.88 -0.76
C ASP A 269 7.51 4.39 -0.89
N THR A 270 6.90 4.79 -2.03
CA THR A 270 6.59 6.21 -2.36
C THR A 270 5.51 6.77 -1.46
N TYR A 271 4.42 6.02 -1.23
CA TYR A 271 3.35 6.46 -0.31
C TYR A 271 3.92 6.72 1.06
N GLN A 272 4.81 5.84 1.55
CA GLN A 272 5.41 6.02 2.87
C GLN A 272 6.46 7.14 2.91
N SER A 273 7.05 7.49 1.78
CA SER A 273 8.05 8.53 1.77
C SER A 273 7.41 9.95 1.75
N GLU A 274 6.07 10.04 1.61
CA GLU A 274 5.35 11.33 1.61
C GLU A 274 5.16 11.88 3.04
N GLY A 277 1.82 12.62 4.40
CA GLY A 277 0.50 12.72 3.81
C GLY A 277 0.47 12.29 2.36
N PHE A 278 -0.04 11.08 2.10
CA PHE A 278 -0.15 10.50 0.76
C PHE A 278 -1.61 10.34 0.29
N SER A 279 -2.58 10.40 1.23
CA SER A 279 -4.01 10.15 0.98
C SER A 279 -4.57 10.88 -0.23
N HIS A 280 -3.97 12.03 -0.59
CA HIS A 280 -4.37 12.83 -1.73
C HIS A 280 -3.58 12.44 -2.98
N PHE A 281 -2.33 11.93 -2.79
CA PHE A 281 -1.47 11.52 -3.90
C PHE A 281 -2.03 10.27 -4.60
N HIS A 282 -2.60 9.34 -3.82
CA HIS A 282 -3.23 8.11 -4.29
C HIS A 282 -4.30 8.39 -5.36
N LEU A 283 -5.08 9.48 -5.20
CA LEU A 283 -6.13 9.90 -6.12
C LEU A 283 -5.52 10.16 -7.53
N TYR A 284 -4.35 10.82 -7.59
CA TYR A 284 -3.62 11.10 -8.83
C TYR A 284 -2.99 9.83 -9.43
N VAL A 285 -2.61 8.86 -8.58
CA VAL A 285 -2.09 7.54 -9.03
C VAL A 285 -3.25 6.76 -9.70
N CYS A 286 -4.44 6.77 -9.08
CA CYS A 286 -5.63 6.11 -9.62
C CYS A 286 -5.99 6.74 -10.99
N ALA A 287 -5.92 8.09 -11.10
CA ALA A 287 -6.22 8.82 -12.35
C ALA A 287 -5.23 8.44 -13.47
N ALA A 288 -3.92 8.46 -13.14
CA ALA A 288 -2.80 8.06 -14.01
C ALA A 288 -2.98 6.59 -14.45
N PHE A 289 -3.47 5.75 -13.55
CA PHE A 289 -3.69 4.34 -13.81
C PHE A 289 -4.77 4.12 -14.85
N LEU A 290 -5.88 4.88 -14.78
CA LEU A 290 -6.97 4.86 -15.77
C LEU A 290 -6.49 5.36 -17.15
N ILE A 291 -5.77 6.50 -17.16
CA ILE A 291 -5.19 7.12 -18.36
C ILE A 291 -4.16 6.18 -19.05
N LYS A 292 -3.35 5.44 -18.26
CA LYS A 292 -2.37 4.47 -18.75
C LYS A 292 -3.06 3.43 -19.62
N TRP A 293 -4.32 3.07 -19.27
CA TRP A 293 -5.09 2.04 -19.97
C TRP A 293 -6.23 2.59 -20.85
N ARG A 294 -6.21 3.90 -21.17
CA ARG A 294 -7.29 4.54 -21.91
C ARG A 294 -7.63 3.91 -23.25
N LYS A 295 -6.65 3.39 -24.04
CA LYS A 295 -6.93 2.78 -25.37
C LYS A 295 -7.70 1.48 -25.24
N GLU A 296 -7.25 0.60 -24.34
CA GLU A 296 -7.89 -0.71 -24.03
C GLU A 296 -9.29 -0.43 -23.50
N ILE A 297 -9.44 0.59 -22.63
CA ILE A 297 -10.72 1.02 -22.05
C ILE A 297 -11.68 1.45 -23.16
N LEU A 298 -11.24 2.37 -24.05
CA LEU A 298 -12.08 2.88 -25.14
C LEU A 298 -12.42 1.83 -26.21
N ASP A 299 -11.65 0.74 -26.25
CA ASP A 299 -11.86 -0.37 -27.17
C ASP A 299 -12.98 -1.31 -26.66
N GLU A 300 -13.39 -1.16 -25.38
CA GLU A 300 -14.48 -1.96 -24.81
C GLU A 300 -15.82 -1.42 -25.30
N GLU A 301 -16.67 -2.32 -25.84
CA GLU A 301 -17.95 -1.97 -26.47
C GLU A 301 -19.17 -2.56 -25.77
N ASP A 302 -19.10 -2.78 -24.44
CA ASP A 302 -20.19 -3.32 -23.61
C ASP A 302 -19.91 -3.12 -22.11
N PHE A 303 -20.97 -3.00 -21.28
CA PHE A 303 -20.89 -2.84 -19.82
C PHE A 303 -20.04 -3.92 -19.16
N GLN A 304 -20.30 -5.20 -19.50
CA GLN A 304 -19.63 -6.35 -18.92
C GLN A 304 -18.14 -6.45 -19.24
N GLY A 305 -17.79 -6.24 -20.50
CA GLY A 305 -16.41 -6.27 -20.97
C GLY A 305 -15.63 -5.13 -20.35
N LEU A 306 -16.27 -3.92 -20.30
CA LEU A 306 -15.70 -2.69 -19.73
C LEU A 306 -15.45 -2.84 -18.23
N LEU A 307 -16.47 -3.30 -17.44
CA LEU A 307 -16.32 -3.50 -15.99
C LEU A 307 -15.23 -4.52 -15.64
N MET A 308 -15.17 -5.63 -16.39
CA MET A 308 -14.22 -6.73 -16.24
C MET A 308 -12.80 -6.22 -16.38
N LEU A 309 -12.54 -5.47 -17.48
CA LEU A 309 -11.24 -4.89 -17.76
C LEU A 309 -10.85 -3.91 -16.65
N LEU A 310 -11.79 -3.02 -16.25
CA LEU A 310 -11.55 -2.04 -15.19
C LEU A 310 -11.13 -2.63 -13.85
N GLN A 311 -11.63 -3.82 -13.54
CA GLN A 311 -11.34 -4.52 -12.30
C GLN A 311 -10.14 -5.45 -12.44
N ASN A 312 -9.65 -5.63 -13.69
CA ASN A 312 -8.52 -6.52 -13.99
C ASN A 312 -7.57 -5.95 -15.04
N LEU A 313 -7.09 -4.74 -14.81
CA LEU A 313 -6.19 -4.10 -15.76
C LEU A 313 -4.95 -4.98 -15.99
N PRO A 314 -4.51 -5.17 -17.25
CA PRO A 314 -3.45 -6.17 -17.50
C PRO A 314 -2.05 -5.77 -17.05
N THR A 315 -1.81 -5.87 -15.73
CA THR A 315 -0.56 -5.49 -15.06
C THR A 315 0.27 -6.70 -14.55
N ILE A 316 -0.09 -7.98 -14.87
CA ILE A 316 0.58 -9.18 -14.35
C ILE A 316 2.09 -9.17 -14.51
N HIS A 317 2.59 -8.66 -15.65
CA HIS A 317 4.01 -8.60 -15.99
C HIS A 317 4.70 -7.29 -15.52
N TRP A 318 3.96 -6.38 -14.83
CA TRP A 318 4.52 -5.12 -14.32
C TRP A 318 5.59 -5.34 -13.23
N GLY A 319 6.53 -4.40 -13.14
CA GLY A 319 7.62 -4.36 -12.17
C GLY A 319 7.89 -2.93 -11.74
N ASN A 320 9.11 -2.66 -11.25
CA ASN A 320 9.53 -1.33 -10.77
C ASN A 320 9.50 -0.24 -11.84
N GLU A 321 9.84 -0.57 -13.09
CA GLU A 321 9.82 0.41 -14.18
C GLU A 321 8.44 1.05 -14.34
N GLU A 322 7.39 0.21 -14.48
CA GLU A 322 5.99 0.65 -14.69
C GLU A 322 5.44 1.42 -13.51
N ILE A 323 5.82 1.05 -12.28
CA ILE A 323 5.36 1.77 -11.09
C ILE A 323 6.01 3.17 -11.03
N GLY A 324 7.30 3.24 -11.38
CA GLY A 324 8.05 4.49 -11.44
C GLY A 324 7.43 5.39 -12.48
N LEU A 325 7.07 4.82 -13.64
CA LEU A 325 6.43 5.61 -14.70
C LEU A 325 5.04 6.07 -14.31
N LEU A 326 4.31 5.22 -13.56
CA LEU A 326 2.97 5.54 -13.06
C LEU A 326 3.05 6.68 -12.05
N LEU A 327 4.03 6.63 -11.13
CA LEU A 327 4.21 7.67 -10.11
C LEU A 327 4.63 9.05 -10.67
N ALA A 328 5.53 9.04 -11.69
CA ALA A 328 6.03 10.26 -12.34
C ALA A 328 4.83 10.96 -13.03
N GLU A 329 3.98 10.15 -13.66
CA GLU A 329 2.76 10.59 -14.34
C GLU A 329 1.75 11.14 -13.31
N ALA A 330 1.61 10.46 -12.16
CA ALA A 330 0.70 10.92 -11.11
C ALA A 330 1.19 12.26 -10.53
N TYR A 331 2.52 12.44 -10.37
CA TYR A 331 3.09 13.70 -9.92
C TYR A 331 2.79 14.83 -10.93
N ARG A 332 2.97 14.57 -12.24
CA ARG A 332 2.68 15.52 -13.32
C ARG A 332 1.22 16.00 -13.23
N LEU A 333 0.28 15.05 -13.08
CA LEU A 333 -1.16 15.35 -12.95
C LEU A 333 -1.45 16.18 -11.70
N LYS A 334 -0.88 15.80 -10.56
CA LYS A 334 -1.10 16.52 -9.31
C LYS A 334 -0.61 17.97 -9.49
N TYR A 335 0.62 18.13 -10.03
CA TYR A 335 1.21 19.43 -10.25
C TYR A 335 0.36 20.30 -11.18
N MET A 336 -0.03 19.75 -12.34
CA MET A 336 -0.79 20.42 -13.38
C MET A 336 -2.23 20.74 -12.99
N PHE A 337 -2.87 19.91 -12.14
CA PHE A 337 -4.25 20.16 -11.74
C PHE A 337 -4.39 20.61 -10.26
N ALA A 338 -3.33 21.23 -9.70
CA ALA A 338 -3.27 21.73 -8.32
C ALA A 338 -4.02 23.05 -8.08
N ASP A 339 -4.30 23.81 -9.16
CA ASP A 339 -5.00 25.08 -9.08
C ASP A 339 -6.44 25.01 -9.62
N ALA A 340 -6.97 23.77 -9.77
CA ALA A 340 -8.32 23.50 -10.29
C ALA A 340 -9.35 23.50 -9.17
N PRO A 341 -10.47 24.23 -9.35
#